data_1S9Q
#
_entry.id   1S9Q
#
_cell.length_a   89.481
_cell.length_b   89.481
_cell.length_c   161.761
_cell.angle_alpha   90.00
_cell.angle_beta   90.00
_cell.angle_gamma   90.00
#
_symmetry.space_group_name_H-M   'P 43 2 2'
#
loop_
_entity.id
_entity.type
_entity.pdbx_description
1 polymer 'Estrogen-related receptor gamma'
2 non-polymer 4-HYDROXYTAMOXIFEN
3 non-polymer 'CHOLIC ACID'
4 water water
#
_entity_poly.entity_id   1
_entity_poly.type   'polypeptide(L)'
_entity_poly.pdbx_seq_one_letter_code
;MGSSHHHHHHSSGLVPRGSHMPAKKPYNKIVSHLLVAEPEKIYAMPDPTVPDSDIKALTTLCDLADRELVVIIGWAKHIP
GFSTLSLADQMSLLQSAWMEILILGVVYRSLSFEDELVYADDYIMDEDQSKLAGLLDLNNAILQLVKKYKSMKLEKEEFV
TLKAIALANSDSMHIEDVEAVQKLQDVLHEALQDYEAGQHMEDPRRAGKMLMTLPLLRQTSTKAVQHFYNIKLEGKVPMH
KLFLEMLEAVK
;
_entity_poly.pdbx_strand_id   A,B
#
# COMPACT_ATOMS: atom_id res chain seq x y z
N LYS A 25 -26.31 3.87 -19.25
CA LYS A 25 -25.72 2.65 -19.89
C LYS A 25 -25.77 1.46 -18.94
N PRO A 26 -25.89 0.24 -19.49
CA PRO A 26 -25.94 -0.98 -18.67
C PRO A 26 -24.55 -1.34 -18.15
N TYR A 27 -24.49 -1.80 -16.89
CA TYR A 27 -23.22 -2.18 -16.28
C TYR A 27 -22.56 -3.27 -17.12
N ASN A 28 -21.24 -3.21 -17.26
CA ASN A 28 -20.52 -4.21 -18.03
C ASN A 28 -20.62 -5.57 -17.35
N LYS A 29 -20.21 -6.61 -18.05
CA LYS A 29 -20.26 -7.99 -17.55
C LYS A 29 -19.56 -8.25 -16.21
N ILE A 30 -18.32 -7.78 -16.08
CA ILE A 30 -17.56 -7.99 -14.84
C ILE A 30 -18.30 -7.45 -13.61
N VAL A 31 -18.72 -6.19 -13.65
CA VAL A 31 -19.42 -5.62 -12.51
C VAL A 31 -20.71 -6.39 -12.21
N SER A 32 -21.37 -6.85 -13.27
CA SER A 32 -22.61 -7.61 -13.12
C SER A 32 -22.35 -8.92 -12.39
N HIS A 33 -21.32 -9.64 -12.81
CA HIS A 33 -20.99 -10.92 -12.16
C HIS A 33 -20.62 -10.70 -10.69
N LEU A 34 -19.77 -9.72 -10.43
CA LEU A 34 -19.33 -9.43 -9.06
C LEU A 34 -20.51 -9.10 -8.14
N LEU A 35 -21.48 -8.35 -8.64
CA LEU A 35 -22.64 -7.99 -7.82
C LEU A 35 -23.47 -9.22 -7.47
N VAL A 36 -23.60 -10.15 -8.42
CA VAL A 36 -24.36 -11.38 -8.19
C VAL A 36 -23.57 -12.32 -7.28
N ALA A 37 -22.25 -12.34 -7.44
CA ALA A 37 -21.40 -13.20 -6.64
C ALA A 37 -21.17 -12.71 -5.20
N GLU A 38 -21.60 -11.48 -4.91
CA GLU A 38 -21.44 -10.89 -3.57
C GLU A 38 -22.13 -11.73 -2.49
N PRO A 39 -21.35 -12.21 -1.48
CA PRO A 39 -21.80 -13.03 -0.35
C PRO A 39 -22.88 -12.42 0.55
N GLU A 40 -23.70 -13.29 1.15
CA GLU A 40 -24.75 -12.86 2.05
C GLU A 40 -24.09 -12.47 3.36
N LYS A 41 -24.83 -11.77 4.23
CA LYS A 41 -24.31 -11.35 5.51
C LYS A 41 -23.71 -12.52 6.28
N ILE A 42 -22.79 -12.19 7.18
CA ILE A 42 -22.13 -13.19 8.01
C ILE A 42 -22.11 -12.57 9.40
N TYR A 43 -22.55 -13.35 10.38
CA TYR A 43 -22.62 -12.89 11.75
C TYR A 43 -21.42 -13.35 12.57
N ALA A 44 -21.03 -12.53 13.55
CA ALA A 44 -19.91 -12.83 14.43
C ALA A 44 -20.28 -13.86 15.49
N MET A 45 -21.54 -13.85 15.91
CA MET A 45 -22.08 -14.77 16.91
C MET A 45 -21.14 -15.00 18.07
N PRO A 46 -20.87 -13.95 18.86
CA PRO A 46 -19.98 -14.09 20.01
C PRO A 46 -20.68 -14.95 21.08
N ASP A 47 -19.91 -15.82 21.74
CA ASP A 47 -20.48 -16.71 22.75
C ASP A 47 -21.13 -15.98 23.92
N PRO A 48 -22.46 -16.09 24.04
CA PRO A 48 -23.19 -15.43 25.12
C PRO A 48 -22.86 -15.97 26.52
N THR A 49 -22.35 -17.19 26.58
CA THR A 49 -22.01 -17.79 27.87
C THR A 49 -20.63 -17.35 28.38
N VAL A 50 -19.84 -16.76 27.49
CA VAL A 50 -18.50 -16.28 27.85
C VAL A 50 -18.53 -14.81 28.24
N PRO A 51 -17.97 -14.48 29.42
CA PRO A 51 -17.95 -13.08 29.87
C PRO A 51 -17.08 -12.19 28.97
N ASP A 52 -17.44 -10.92 28.88
CA ASP A 52 -16.71 -9.98 28.05
C ASP A 52 -15.29 -9.72 28.52
N SER A 53 -14.36 -9.67 27.57
CA SER A 53 -12.95 -9.41 27.86
C SER A 53 -12.17 -9.30 26.55
N ASP A 54 -10.95 -8.79 26.64
CA ASP A 54 -10.10 -8.63 25.48
C ASP A 54 -10.02 -9.97 24.74
N ILE A 55 -9.83 -11.06 25.49
CA ILE A 55 -9.74 -12.40 24.92
C ILE A 55 -11.02 -12.80 24.17
N LYS A 56 -12.18 -12.40 24.70
CA LYS A 56 -13.44 -12.73 24.05
C LYS A 56 -13.56 -12.00 22.72
N ALA A 57 -13.37 -10.68 22.75
CA ALA A 57 -13.43 -9.86 21.55
C ALA A 57 -12.52 -10.41 20.45
N LEU A 58 -11.26 -10.67 20.79
CA LEU A 58 -10.30 -11.18 19.82
C LEU A 58 -10.66 -12.59 19.36
N THR A 59 -11.17 -13.40 20.27
CA THR A 59 -11.59 -14.76 19.92
C THR A 59 -12.74 -14.67 18.91
N THR A 60 -13.67 -13.75 19.17
CA THR A 60 -14.82 -13.55 18.30
C THR A 60 -14.40 -13.08 16.90
N LEU A 61 -13.51 -12.10 16.85
CA LEU A 61 -13.05 -11.60 15.56
C LEU A 61 -12.36 -12.69 14.76
N CYS A 62 -11.54 -13.50 15.42
CA CYS A 62 -10.82 -14.59 14.76
C CYS A 62 -11.78 -15.57 14.15
N ASP A 63 -12.81 -15.95 14.90
CA ASP A 63 -13.79 -16.92 14.40
C ASP A 63 -14.55 -16.34 13.20
N LEU A 64 -14.97 -15.08 13.31
CA LEU A 64 -15.69 -14.43 12.21
C LEU A 64 -14.77 -14.42 11.00
N ALA A 65 -13.54 -13.95 11.21
CA ALA A 65 -12.57 -13.87 10.12
C ALA A 65 -12.42 -15.21 9.40
N ASP A 66 -12.27 -16.29 10.14
CA ASP A 66 -12.10 -17.60 9.54
C ASP A 66 -13.29 -18.01 8.67
N ARG A 67 -14.50 -17.73 9.13
CA ARG A 67 -15.68 -18.08 8.37
C ARG A 67 -15.77 -17.17 7.13
N GLU A 68 -15.40 -15.91 7.28
CA GLU A 68 -15.43 -14.98 6.14
C GLU A 68 -14.41 -15.40 5.09
N LEU A 69 -13.25 -15.85 5.56
CA LEU A 69 -12.18 -16.27 4.66
C LEU A 69 -12.57 -17.49 3.82
N VAL A 70 -13.38 -18.38 4.40
CA VAL A 70 -13.85 -19.57 3.69
C VAL A 70 -14.77 -19.05 2.56
N VAL A 71 -15.65 -18.12 2.90
CA VAL A 71 -16.56 -17.55 1.91
C VAL A 71 -15.78 -16.76 0.84
N ILE A 72 -14.72 -16.09 1.24
CA ILE A 72 -13.89 -15.32 0.31
C ILE A 72 -13.21 -16.21 -0.73
N ILE A 73 -12.74 -17.37 -0.31
CA ILE A 73 -12.09 -18.29 -1.23
C ILE A 73 -13.06 -18.75 -2.34
N GLY A 74 -14.32 -19.00 -1.96
CA GLY A 74 -15.30 -19.41 -2.95
C GLY A 74 -15.71 -18.26 -3.86
N TRP A 75 -15.73 -17.06 -3.29
CA TRP A 75 -16.08 -15.84 -4.02
C TRP A 75 -15.07 -15.57 -5.14
N ALA A 76 -13.78 -15.76 -4.83
CA ALA A 76 -12.72 -15.51 -5.80
C ALA A 76 -12.81 -16.40 -7.03
N LYS A 77 -13.27 -17.63 -6.83
CA LYS A 77 -13.41 -18.59 -7.92
C LYS A 77 -14.47 -18.09 -8.92
N HIS A 78 -15.30 -17.15 -8.46
CA HIS A 78 -16.35 -16.58 -9.30
C HIS A 78 -15.94 -15.32 -10.03
N ILE A 79 -14.71 -14.87 -9.78
CA ILE A 79 -14.18 -13.66 -10.44
C ILE A 79 -13.69 -14.05 -11.83
N PRO A 80 -14.34 -13.52 -12.89
CA PRO A 80 -13.97 -13.82 -14.27
C PRO A 80 -12.47 -13.83 -14.49
N GLY A 81 -11.94 -14.98 -14.93
CA GLY A 81 -10.52 -15.10 -15.19
C GLY A 81 -9.61 -15.58 -14.07
N PHE A 82 -10.11 -15.63 -12.84
CA PHE A 82 -9.29 -16.06 -11.69
C PHE A 82 -9.05 -17.56 -11.69
N SER A 83 -10.10 -18.33 -12.01
CA SER A 83 -10.00 -19.79 -12.03
C SER A 83 -9.13 -20.31 -13.16
N THR A 84 -8.71 -19.41 -14.05
CA THR A 84 -7.87 -19.80 -15.18
C THR A 84 -6.38 -19.75 -14.82
N LEU A 85 -6.04 -19.05 -13.75
CA LEU A 85 -4.65 -18.96 -13.31
C LEU A 85 -4.29 -20.33 -12.73
N SER A 86 -3.00 -20.65 -12.67
CA SER A 86 -2.59 -21.92 -12.09
C SER A 86 -3.11 -21.92 -10.66
N LEU A 87 -3.18 -23.10 -10.04
CA LEU A 87 -3.65 -23.17 -8.67
C LEU A 87 -2.63 -22.57 -7.73
N ALA A 88 -1.37 -22.55 -8.16
CA ALA A 88 -0.30 -21.97 -7.36
C ALA A 88 -0.47 -20.45 -7.29
N ASP A 89 -0.81 -19.84 -8.43
CA ASP A 89 -1.00 -18.40 -8.47
C ASP A 89 -2.29 -17.97 -7.78
N GLN A 90 -3.33 -18.78 -7.91
CA GLN A 90 -4.59 -18.48 -7.25
C GLN A 90 -4.28 -18.39 -5.75
N MET A 91 -3.52 -19.36 -5.26
CA MET A 91 -3.14 -19.41 -3.85
C MET A 91 -2.27 -18.24 -3.42
N SER A 92 -1.30 -17.87 -4.26
CA SER A 92 -0.41 -16.76 -3.96
C SER A 92 -1.16 -15.45 -3.84
N LEU A 93 -2.08 -15.22 -4.78
CA LEU A 93 -2.87 -13.98 -4.76
C LEU A 93 -3.70 -13.92 -3.48
N LEU A 94 -4.40 -15.00 -3.17
CA LEU A 94 -5.23 -15.05 -1.97
C LEU A 94 -4.41 -14.93 -0.69
N GLN A 95 -3.23 -15.55 -0.67
CA GLN A 95 -2.37 -15.50 0.51
C GLN A 95 -1.76 -14.11 0.69
N SER A 96 -1.80 -13.29 -0.34
CA SER A 96 -1.26 -11.94 -0.24
C SER A 96 -2.32 -10.88 0.08
N ALA A 97 -3.53 -11.10 -0.42
CA ALA A 97 -4.58 -10.11 -0.24
C ALA A 97 -5.73 -10.46 0.74
N TRP A 98 -5.67 -11.61 1.40
CA TRP A 98 -6.77 -11.98 2.31
C TRP A 98 -7.12 -10.88 3.34
N MET A 99 -6.14 -10.28 3.99
CA MET A 99 -6.45 -9.26 4.98
C MET A 99 -7.03 -7.98 4.35
N GLU A 100 -6.57 -7.61 3.16
CA GLU A 100 -7.08 -6.42 2.48
C GLU A 100 -8.57 -6.61 2.14
N ILE A 101 -8.93 -7.82 1.73
CA ILE A 101 -10.32 -8.10 1.38
C ILE A 101 -11.22 -7.99 2.63
N LEU A 102 -10.76 -8.55 3.74
CA LEU A 102 -11.52 -8.50 4.99
C LEU A 102 -11.66 -7.06 5.49
N ILE A 103 -10.59 -6.30 5.40
CA ILE A 103 -10.63 -4.92 5.85
C ILE A 103 -11.55 -4.07 4.98
N LEU A 104 -11.52 -4.29 3.68
CA LEU A 104 -12.37 -3.52 2.78
C LEU A 104 -13.84 -3.85 3.10
N GLY A 105 -14.10 -5.09 3.53
CA GLY A 105 -15.44 -5.49 3.91
C GLY A 105 -15.95 -4.72 5.11
N VAL A 106 -15.18 -4.70 6.20
CA VAL A 106 -15.61 -3.98 7.39
C VAL A 106 -15.75 -2.49 7.10
N VAL A 107 -14.85 -1.94 6.29
CA VAL A 107 -14.90 -0.53 5.93
C VAL A 107 -16.22 -0.23 5.20
N TYR A 108 -16.59 -1.07 4.24
CA TYR A 108 -17.81 -0.83 3.49
C TYR A 108 -19.06 -0.89 4.38
N ARG A 109 -19.10 -1.88 5.26
CA ARG A 109 -20.24 -2.05 6.16
C ARG A 109 -20.39 -0.91 7.17
N SER A 110 -19.31 -0.16 7.38
CA SER A 110 -19.31 0.93 8.35
C SER A 110 -19.55 2.34 7.79
N LEU A 111 -19.71 2.44 6.47
CA LEU A 111 -19.92 3.73 5.80
C LEU A 111 -21.08 4.59 6.31
N SER A 112 -22.20 3.97 6.62
CA SER A 112 -23.35 4.74 7.09
C SER A 112 -23.35 4.92 8.60
N PHE A 113 -22.27 4.54 9.25
CA PHE A 113 -22.15 4.69 10.70
C PHE A 113 -21.16 5.79 11.03
N GLU A 114 -21.06 6.15 12.30
CA GLU A 114 -20.16 7.21 12.74
C GLU A 114 -19.24 6.77 13.87
N ASP A 115 -17.94 6.75 13.57
CA ASP A 115 -16.90 6.38 14.54
C ASP A 115 -17.06 4.97 15.12
N GLU A 116 -17.67 4.08 14.34
CA GLU A 116 -17.86 2.71 14.79
C GLU A 116 -17.57 1.78 13.63
N LEU A 117 -17.04 0.60 13.93
CA LEU A 117 -16.75 -0.37 12.88
C LEU A 117 -17.73 -1.54 12.94
N VAL A 118 -18.41 -1.78 11.83
CA VAL A 118 -19.39 -2.85 11.72
C VAL A 118 -18.76 -4.15 11.25
N TYR A 119 -18.11 -4.88 12.15
CA TYR A 119 -17.53 -6.13 11.73
C TYR A 119 -18.61 -7.10 11.29
N ALA A 120 -19.82 -6.88 11.82
CA ALA A 120 -21.02 -7.66 11.49
C ALA A 120 -22.21 -6.99 12.17
N ASP A 121 -23.42 -7.30 11.72
CA ASP A 121 -24.63 -6.70 12.32
C ASP A 121 -24.72 -6.93 13.82
N ASP A 122 -24.14 -8.04 14.29
CA ASP A 122 -24.17 -8.37 15.71
C ASP A 122 -22.85 -8.10 16.41
N TYR A 123 -21.98 -7.32 15.77
CA TYR A 123 -20.70 -7.00 16.36
C TYR A 123 -20.19 -5.65 15.85
N ILE A 124 -20.55 -4.61 16.58
CA ILE A 124 -20.16 -3.25 16.23
C ILE A 124 -19.28 -2.69 17.33
N MET A 125 -18.08 -2.27 16.95
CA MET A 125 -17.14 -1.73 17.91
C MET A 125 -17.02 -0.22 17.90
N ASP A 126 -17.34 0.39 19.03
CA ASP A 126 -17.19 1.84 19.15
C ASP A 126 -15.84 2.04 19.82
N GLU A 127 -15.46 3.29 20.08
CA GLU A 127 -14.15 3.54 20.67
C GLU A 127 -13.88 2.82 21.99
N ASP A 128 -14.78 2.95 22.95
CA ASP A 128 -14.57 2.31 24.24
C ASP A 128 -14.44 0.80 24.12
N GLN A 129 -15.11 0.20 23.14
CA GLN A 129 -15.00 -1.23 22.95
C GLN A 129 -13.62 -1.56 22.38
N SER A 130 -13.14 -0.69 21.51
CA SER A 130 -11.83 -0.88 20.88
C SER A 130 -10.71 -0.84 21.91
N LYS A 131 -10.83 0.08 22.87
CA LYS A 131 -9.83 0.20 23.92
C LYS A 131 -9.81 -1.07 24.78
N LEU A 132 -10.98 -1.59 25.10
CA LEU A 132 -11.07 -2.80 25.90
C LEU A 132 -10.48 -4.00 25.18
N ALA A 133 -10.63 -4.03 23.86
CA ALA A 133 -10.09 -5.13 23.06
C ALA A 133 -8.61 -4.91 22.73
N GLY A 134 -8.12 -3.72 23.01
CA GLY A 134 -6.73 -3.39 22.71
C GLY A 134 -6.56 -3.10 21.22
N LEU A 135 -7.67 -2.73 20.58
CA LEU A 135 -7.66 -2.44 19.15
C LEU A 135 -7.86 -0.98 18.76
N LEU A 136 -7.61 -0.06 19.68
CA LEU A 136 -7.80 1.36 19.39
C LEU A 136 -6.98 1.88 18.22
N ASP A 137 -5.67 1.63 18.20
CA ASP A 137 -4.84 2.11 17.11
C ASP A 137 -5.25 1.52 15.77
N LEU A 138 -5.46 0.20 15.74
CA LEU A 138 -5.85 -0.45 14.49
C LEU A 138 -7.23 -0.02 14.00
N ASN A 139 -8.21 0.01 14.89
CA ASN A 139 -9.54 0.43 14.49
C ASN A 139 -9.54 1.89 14.05
N ASN A 140 -8.74 2.73 14.71
CA ASN A 140 -8.66 4.13 14.29
C ASN A 140 -8.07 4.22 12.89
N ALA A 141 -7.15 3.34 12.55
CA ALA A 141 -6.55 3.37 11.22
C ALA A 141 -7.60 2.89 10.21
N ILE A 142 -8.41 1.92 10.62
CA ILE A 142 -9.46 1.42 9.72
C ILE A 142 -10.52 2.50 9.48
N LEU A 143 -10.79 3.30 10.51
CA LEU A 143 -11.76 4.38 10.39
C LEU A 143 -11.23 5.47 9.43
N GLN A 144 -9.90 5.53 9.29
CA GLN A 144 -9.30 6.51 8.38
C GLN A 144 -9.77 6.14 6.97
N LEU A 145 -9.80 4.85 6.67
CA LEU A 145 -10.25 4.37 5.37
C LEU A 145 -11.71 4.67 5.18
N VAL A 146 -12.49 4.48 6.25
CA VAL A 146 -13.92 4.73 6.20
C VAL A 146 -14.16 6.18 5.85
N LYS A 147 -13.44 7.07 6.52
CA LYS A 147 -13.60 8.50 6.29
C LYS A 147 -13.39 8.88 4.82
N LYS A 148 -12.36 8.33 4.20
CA LYS A 148 -12.09 8.63 2.79
C LYS A 148 -13.22 8.14 1.88
N TYR A 149 -13.63 6.88 2.06
CA TYR A 149 -14.70 6.33 1.24
C TYR A 149 -16.02 7.03 1.46
N LYS A 150 -16.26 7.51 2.68
CA LYS A 150 -17.51 8.24 2.95
C LYS A 150 -17.57 9.53 2.14
N SER A 151 -16.48 10.28 2.11
CA SER A 151 -16.45 11.54 1.37
C SER A 151 -16.59 11.30 -0.14
N MET A 152 -16.15 10.15 -0.61
CA MET A 152 -16.26 9.81 -2.03
C MET A 152 -17.63 9.17 -2.30
N LYS A 153 -18.33 8.79 -1.25
CA LYS A 153 -19.62 8.15 -1.36
C LYS A 153 -19.47 6.85 -2.16
N LEU A 154 -18.58 5.99 -1.68
CA LEU A 154 -18.32 4.69 -2.32
C LEU A 154 -19.62 3.93 -2.53
N GLU A 155 -19.82 3.40 -3.74
CA GLU A 155 -21.02 2.65 -4.03
C GLU A 155 -20.74 1.15 -4.01
N LYS A 156 -21.79 0.35 -3.89
CA LYS A 156 -21.61 -1.11 -3.85
C LYS A 156 -20.89 -1.62 -5.09
N GLU A 157 -21.22 -1.07 -6.25
CA GLU A 157 -20.59 -1.49 -7.49
C GLU A 157 -19.08 -1.24 -7.48
N GLU A 158 -18.67 -0.15 -6.85
CA GLU A 158 -17.26 0.19 -6.78
C GLU A 158 -16.55 -0.70 -5.76
N PHE A 159 -17.25 -1.01 -4.69
CA PHE A 159 -16.75 -1.86 -3.62
C PHE A 159 -16.41 -3.27 -4.10
N VAL A 160 -17.34 -3.93 -4.79
CA VAL A 160 -17.07 -5.28 -5.24
C VAL A 160 -15.95 -5.29 -6.27
N THR A 161 -15.88 -4.24 -7.08
CA THR A 161 -14.84 -4.16 -8.09
C THR A 161 -13.47 -3.91 -7.45
N LEU A 162 -13.42 -3.09 -6.39
CA LEU A 162 -12.16 -2.83 -5.70
C LEU A 162 -11.64 -4.07 -4.96
N LYS A 163 -12.54 -4.87 -4.41
CA LYS A 163 -12.11 -6.08 -3.73
C LYS A 163 -11.40 -6.97 -4.73
N ALA A 164 -12.02 -7.14 -5.89
CA ALA A 164 -11.46 -7.98 -6.94
C ALA A 164 -10.11 -7.43 -7.43
N ILE A 165 -10.02 -6.12 -7.58
CA ILE A 165 -8.78 -5.49 -8.01
C ILE A 165 -7.70 -5.67 -6.94
N ALA A 166 -8.09 -5.51 -5.68
CA ALA A 166 -7.15 -5.67 -4.57
C ALA A 166 -6.57 -7.09 -4.59
N LEU A 167 -7.40 -8.07 -4.94
CA LEU A 167 -6.96 -9.46 -4.99
C LEU A 167 -5.94 -9.66 -6.12
N ALA A 168 -6.28 -9.18 -7.31
CA ALA A 168 -5.42 -9.32 -8.48
C ALA A 168 -4.13 -8.51 -8.43
N ASN A 169 -4.19 -7.37 -7.74
CA ASN A 169 -3.07 -6.45 -7.61
C ASN A 169 -2.33 -6.60 -6.29
N SER A 170 -2.48 -7.75 -5.63
CA SER A 170 -1.86 -8.03 -4.34
C SER A 170 -0.33 -8.02 -4.26
N ASP A 171 0.33 -8.10 -5.42
CA ASP A 171 1.80 -8.06 -5.53
C ASP A 171 2.57 -9.20 -4.83
N SER A 172 2.07 -10.42 -4.91
CA SER A 172 2.79 -11.53 -4.30
C SER A 172 4.17 -11.69 -5.00
N MET A 173 5.18 -12.10 -4.24
CA MET A 173 6.52 -12.30 -4.79
C MET A 173 6.67 -13.70 -5.37
N HIS A 174 5.62 -14.51 -5.27
CA HIS A 174 5.67 -15.88 -5.75
C HIS A 174 4.79 -16.15 -6.97
N ILE A 175 4.64 -15.16 -7.85
CA ILE A 175 3.84 -15.33 -9.04
C ILE A 175 4.59 -16.09 -10.13
N GLU A 176 3.94 -17.08 -10.71
CA GLU A 176 4.53 -17.89 -11.77
C GLU A 176 4.26 -17.28 -13.14
N ASP A 177 2.99 -17.02 -13.41
CA ASP A 177 2.58 -16.46 -14.68
C ASP A 177 2.26 -14.96 -14.50
N VAL A 178 3.28 -14.13 -14.52
CA VAL A 178 3.12 -12.69 -14.35
C VAL A 178 2.18 -12.06 -15.37
N GLU A 179 2.31 -12.47 -16.63
CA GLU A 179 1.47 -11.93 -17.70
C GLU A 179 0.01 -12.31 -17.53
N ALA A 180 -0.24 -13.50 -16.99
CA ALA A 180 -1.62 -13.95 -16.79
C ALA A 180 -2.26 -13.11 -15.69
N VAL A 181 -1.50 -12.85 -14.63
CA VAL A 181 -1.99 -12.05 -13.54
C VAL A 181 -2.14 -10.60 -14.01
N GLN A 182 -1.20 -10.11 -14.82
CA GLN A 182 -1.31 -8.74 -15.33
C GLN A 182 -2.59 -8.58 -16.16
N LYS A 183 -2.93 -9.62 -16.92
CA LYS A 183 -4.14 -9.60 -17.76
C LYS A 183 -5.40 -9.56 -16.89
N LEU A 184 -5.37 -10.26 -15.76
CA LEU A 184 -6.52 -10.27 -14.86
C LEU A 184 -6.67 -8.86 -14.28
N GLN A 185 -5.55 -8.24 -13.97
CA GLN A 185 -5.56 -6.88 -13.42
C GLN A 185 -6.15 -5.90 -14.43
N ASP A 186 -5.77 -6.05 -15.70
CA ASP A 186 -6.26 -5.15 -16.74
C ASP A 186 -7.75 -5.30 -16.98
N VAL A 187 -8.23 -6.53 -16.94
CA VAL A 187 -9.65 -6.77 -17.15
C VAL A 187 -10.48 -6.14 -16.04
N LEU A 188 -10.02 -6.30 -14.81
CA LEU A 188 -10.73 -5.74 -13.67
C LEU A 188 -10.63 -4.22 -13.63
N HIS A 189 -9.46 -3.72 -13.98
CA HIS A 189 -9.22 -2.27 -14.03
C HIS A 189 -10.17 -1.66 -15.06
N GLU A 190 -10.29 -2.32 -16.21
CA GLU A 190 -11.16 -1.85 -17.28
C GLU A 190 -12.62 -1.84 -16.81
N ALA A 191 -13.00 -2.86 -16.04
CA ALA A 191 -14.36 -2.95 -15.52
C ALA A 191 -14.67 -1.73 -14.65
N LEU A 192 -13.71 -1.32 -13.83
CA LEU A 192 -13.91 -0.13 -12.97
C LEU A 192 -13.97 1.12 -13.85
N GLN A 193 -12.99 1.28 -14.74
CA GLN A 193 -12.93 2.46 -15.61
C GLN A 193 -14.24 2.60 -16.39
N ASP A 194 -14.71 1.51 -16.99
CA ASP A 194 -15.95 1.54 -17.77
C ASP A 194 -17.14 1.90 -16.89
N TYR A 195 -17.19 1.33 -15.69
CA TYR A 195 -18.30 1.66 -14.78
C TYR A 195 -18.32 3.14 -14.44
N GLU A 196 -17.15 3.71 -14.20
CA GLU A 196 -17.05 5.12 -13.83
C GLU A 196 -17.37 6.06 -14.97
N ALA A 197 -17.01 5.65 -16.19
CA ALA A 197 -17.28 6.49 -17.36
C ALA A 197 -18.78 6.61 -17.64
N GLY A 198 -19.51 5.51 -17.48
CA GLY A 198 -20.93 5.54 -17.75
C GLY A 198 -21.77 6.01 -16.58
N GLN A 199 -21.32 5.72 -15.36
CA GLN A 199 -22.04 6.06 -14.14
C GLN A 199 -21.64 7.39 -13.48
N HIS A 200 -20.41 7.84 -13.72
CA HIS A 200 -19.96 9.08 -13.09
C HIS A 200 -19.20 9.99 -14.05
N MET A 201 -19.83 10.29 -15.17
CA MET A 201 -19.23 11.15 -16.19
C MET A 201 -18.93 12.54 -15.62
N GLU A 202 -19.60 12.92 -14.55
CA GLU A 202 -19.37 14.23 -13.94
C GLU A 202 -17.99 14.36 -13.30
N ASP A 203 -17.31 13.24 -13.08
CA ASP A 203 -15.96 13.27 -12.51
C ASP A 203 -15.09 12.35 -13.34
N PRO A 204 -14.45 12.91 -14.37
CA PRO A 204 -13.58 12.12 -15.25
C PRO A 204 -12.43 11.40 -14.54
N ARG A 205 -12.17 11.73 -13.28
CA ARG A 205 -11.08 11.07 -12.57
C ARG A 205 -11.55 10.21 -11.38
N ARG A 206 -12.83 9.87 -11.32
CA ARG A 206 -13.30 9.07 -10.18
C ARG A 206 -12.65 7.67 -10.14
N ALA A 207 -12.46 7.03 -11.27
CA ALA A 207 -11.82 5.71 -11.25
C ALA A 207 -10.42 5.84 -10.66
N GLY A 208 -9.70 6.88 -11.07
CA GLY A 208 -8.35 7.10 -10.57
C GLY A 208 -8.32 7.34 -9.06
N LYS A 209 -9.28 8.08 -8.54
CA LYS A 209 -9.34 8.36 -7.10
C LYS A 209 -9.59 7.07 -6.30
N MET A 210 -10.34 6.13 -6.89
CA MET A 210 -10.60 4.86 -6.24
C MET A 210 -9.30 4.09 -6.14
N LEU A 211 -8.56 4.06 -7.24
CA LEU A 211 -7.29 3.34 -7.27
C LEU A 211 -6.32 3.93 -6.26
N MET A 212 -6.38 5.26 -6.07
CA MET A 212 -5.49 5.94 -5.12
C MET A 212 -5.79 5.63 -3.68
N THR A 213 -6.87 4.89 -3.40
CA THR A 213 -7.17 4.52 -2.02
C THR A 213 -6.52 3.19 -1.67
N LEU A 214 -6.05 2.46 -2.68
CA LEU A 214 -5.44 1.15 -2.44
C LEU A 214 -4.18 1.17 -1.57
N PRO A 215 -3.35 2.22 -1.66
CA PRO A 215 -2.15 2.24 -0.81
C PRO A 215 -2.50 2.21 0.68
N LEU A 216 -3.49 3.01 1.08
CA LEU A 216 -3.91 3.04 2.48
C LEU A 216 -4.51 1.70 2.88
N LEU A 217 -5.19 1.03 1.95
CA LEU A 217 -5.76 -0.29 2.23
C LEU A 217 -4.62 -1.30 2.51
N ARG A 218 -3.59 -1.25 1.69
CA ARG A 218 -2.42 -2.13 1.82
C ARG A 218 -1.73 -1.83 3.16
N GLN A 219 -1.57 -0.55 3.47
CA GLN A 219 -0.91 -0.14 4.70
C GLN A 219 -1.68 -0.64 5.94
N THR A 220 -3.00 -0.41 5.96
CA THR A 220 -3.81 -0.84 7.11
C THR A 220 -3.83 -2.36 7.26
N SER A 221 -3.89 -3.08 6.14
CA SER A 221 -3.90 -4.53 6.18
C SER A 221 -2.60 -5.10 6.72
N THR A 222 -1.47 -4.55 6.28
CA THR A 222 -0.18 -4.99 6.77
C THR A 222 -0.13 -4.73 8.29
N LYS A 223 -0.59 -3.55 8.69
CA LYS A 223 -0.64 -3.18 10.09
C LYS A 223 -1.50 -4.18 10.89
N ALA A 224 -2.60 -4.63 10.30
CA ALA A 224 -3.49 -5.58 10.97
C ALA A 224 -2.83 -6.95 11.10
N VAL A 225 -2.23 -7.45 10.02
CA VAL A 225 -1.58 -8.76 10.08
C VAL A 225 -0.47 -8.75 11.13
N GLN A 226 0.31 -7.68 11.17
CA GLN A 226 1.39 -7.58 12.14
C GLN A 226 0.88 -7.53 13.57
N HIS A 227 -0.23 -6.85 13.79
CA HIS A 227 -0.79 -6.75 15.13
C HIS A 227 -1.32 -8.11 15.57
N PHE A 228 -1.89 -8.86 14.63
CA PHE A 228 -2.41 -10.18 14.93
C PHE A 228 -1.31 -11.11 15.43
N TYR A 229 -0.17 -11.10 14.76
CA TYR A 229 0.93 -11.96 15.17
C TYR A 229 1.63 -11.49 16.43
N ASN A 230 1.52 -10.19 16.76
CA ASN A 230 2.10 -9.68 18.00
C ASN A 230 1.22 -10.18 19.14
N ILE A 231 -0.06 -10.35 18.83
CA ILE A 231 -1.03 -10.83 19.81
C ILE A 231 -0.77 -12.29 20.13
N LYS A 232 -0.64 -13.12 19.10
CA LYS A 232 -0.39 -14.54 19.31
C LYS A 232 0.98 -14.75 19.94
N LEU A 233 1.81 -13.72 19.89
CA LEU A 233 3.15 -13.78 20.45
C LEU A 233 3.04 -13.71 21.96
N GLU A 234 2.39 -12.65 22.45
CA GLU A 234 2.20 -12.46 23.88
C GLU A 234 0.98 -13.25 24.34
N GLY A 235 0.93 -14.52 23.95
CA GLY A 235 -0.18 -15.37 24.34
C GLY A 235 -0.28 -16.59 23.45
N VAL A 237 -3.36 -16.14 22.52
CA VAL A 237 -4.40 -15.23 22.06
C VAL A 237 -5.76 -15.89 21.92
N PRO A 238 -6.08 -16.44 20.73
CA PRO A 238 -7.35 -17.12 20.43
C PRO A 238 -7.70 -18.27 21.37
N MET A 239 -8.88 -18.19 21.99
CA MET A 239 -9.33 -19.23 22.93
C MET A 239 -9.62 -20.53 22.19
N HIS A 240 -8.65 -21.44 22.20
CA HIS A 240 -8.83 -22.70 21.49
C HIS A 240 -9.83 -23.63 22.19
N LYS A 241 -10.85 -23.97 21.41
CA LYS A 241 -11.95 -24.82 21.81
C LYS A 241 -11.53 -26.20 22.32
N LEU A 242 -10.85 -26.94 21.46
CA LEU A 242 -10.41 -28.28 21.79
C LEU A 242 -9.40 -28.30 22.94
N PHE A 243 -8.79 -27.15 23.21
CA PHE A 243 -7.79 -27.05 24.26
C PHE A 243 -8.26 -27.48 25.65
N LEU A 244 -9.26 -26.79 26.19
CA LEU A 244 -9.76 -27.14 27.52
C LEU A 244 -10.30 -28.56 27.58
N GLU A 245 -10.86 -29.02 26.47
CA GLU A 245 -11.40 -30.38 26.40
C GLU A 245 -10.27 -31.39 26.59
N MET A 246 -9.13 -31.12 25.98
CA MET A 246 -7.96 -32.00 26.08
C MET A 246 -7.42 -32.05 27.50
N LEU A 247 -7.57 -30.94 28.23
CA LEU A 247 -7.09 -30.87 29.60
C LEU A 247 -8.08 -31.45 30.59
N GLU A 248 -9.37 -31.26 30.31
CA GLU A 248 -10.42 -31.80 31.19
C GLU A 248 -10.50 -33.31 31.01
N ALA A 249 -10.44 -33.75 29.76
CA ALA A 249 -10.52 -35.18 29.42
C ALA A 249 -9.93 -36.07 30.49
N TYR B 27 1.65 20.07 -24.36
CA TYR B 27 2.41 19.59 -23.16
C TYR B 27 1.70 20.07 -21.89
N ASN B 28 1.80 19.29 -20.81
CA ASN B 28 1.18 19.67 -19.56
C ASN B 28 2.18 20.53 -18.78
N LYS B 29 1.75 21.74 -18.42
CA LYS B 29 2.59 22.69 -17.69
C LYS B 29 3.13 22.14 -16.36
N ILE B 30 2.24 21.53 -15.58
CA ILE B 30 2.63 20.98 -14.30
C ILE B 30 3.69 19.88 -14.43
N VAL B 31 3.49 18.98 -15.38
CA VAL B 31 4.43 17.89 -15.59
C VAL B 31 5.78 18.44 -16.05
N SER B 32 5.74 19.41 -16.97
CA SER B 32 6.97 20.03 -17.48
C SER B 32 7.68 20.77 -16.36
N HIS B 33 6.90 21.42 -15.50
CA HIS B 33 7.47 22.15 -14.38
C HIS B 33 8.15 21.14 -13.46
N LEU B 34 7.52 19.99 -13.26
CA LEU B 34 8.09 18.97 -12.39
C LEU B 34 9.45 18.47 -12.92
N LEU B 35 9.57 18.33 -14.24
CA LEU B 35 10.85 17.87 -14.81
C LEU B 35 11.96 18.84 -14.42
N VAL B 36 11.72 20.12 -14.64
CA VAL B 36 12.69 21.15 -14.34
C VAL B 36 13.04 21.32 -12.86
N ALA B 37 12.10 20.99 -11.98
CA ALA B 37 12.34 21.14 -10.55
C ALA B 37 13.00 19.89 -9.98
N GLU B 38 13.29 18.94 -10.87
CA GLU B 38 13.92 17.70 -10.45
C GLU B 38 15.31 18.01 -9.87
N PRO B 39 15.56 17.56 -8.63
CA PRO B 39 16.84 17.77 -7.95
C PRO B 39 18.08 17.30 -8.71
N GLU B 40 19.23 17.84 -8.33
CA GLU B 40 20.48 17.47 -8.97
C GLU B 40 20.96 16.14 -8.36
N LYS B 41 21.68 15.36 -9.16
CA LYS B 41 22.20 14.09 -8.69
C LYS B 41 23.07 14.28 -7.45
N ILE B 42 22.99 13.32 -6.53
CA ILE B 42 23.77 13.33 -5.29
C ILE B 42 24.66 12.09 -5.33
N TYR B 43 25.80 12.15 -4.67
CA TYR B 43 26.71 11.02 -4.69
C TYR B 43 27.02 10.40 -3.34
N ALA B 44 27.22 9.09 -3.34
CA ALA B 44 27.51 8.34 -2.12
C ALA B 44 28.92 8.63 -1.64
N MET B 45 29.87 8.71 -2.57
CA MET B 45 31.27 8.99 -2.26
C MET B 45 31.83 8.07 -1.18
N PRO B 46 31.77 6.75 -1.42
CA PRO B 46 32.29 5.78 -0.44
C PRO B 46 33.82 5.82 -0.42
N ASP B 47 34.40 5.64 0.77
CA ASP B 47 35.84 5.66 0.95
C ASP B 47 36.44 4.30 0.61
N PRO B 48 37.17 4.23 -0.52
CA PRO B 48 37.80 2.98 -0.97
C PRO B 48 38.90 2.41 -0.07
N THR B 49 39.37 3.18 0.92
CA THR B 49 40.40 2.64 1.80
C THR B 49 39.76 2.00 3.03
N VAL B 50 38.44 2.15 3.15
CA VAL B 50 37.69 1.57 4.26
C VAL B 50 37.29 0.15 3.90
N PRO B 51 37.58 -0.82 4.79
CA PRO B 51 37.24 -2.22 4.54
C PRO B 51 35.75 -2.38 4.25
N ASP B 52 35.43 -3.08 3.17
CA ASP B 52 34.04 -3.30 2.81
C ASP B 52 33.33 -4.12 3.88
N SER B 53 32.20 -3.62 4.36
CA SER B 53 31.46 -4.31 5.40
C SER B 53 30.03 -3.81 5.50
N ASP B 54 29.22 -4.57 6.23
CA ASP B 54 27.83 -4.23 6.45
C ASP B 54 27.79 -2.82 7.05
N ILE B 55 28.67 -2.58 8.01
CA ILE B 55 28.75 -1.28 8.68
C ILE B 55 29.03 -0.15 7.69
N LYS B 56 29.99 -0.38 6.79
CA LYS B 56 30.35 0.64 5.80
C LYS B 56 29.16 0.92 4.88
N ALA B 57 28.62 -0.13 4.29
CA ALA B 57 27.49 0.01 3.38
C ALA B 57 26.34 0.78 4.02
N LEU B 58 25.90 0.32 5.19
CA LEU B 58 24.80 0.96 5.90
C LEU B 58 25.10 2.41 6.26
N THR B 59 26.36 2.69 6.58
CA THR B 59 26.74 4.05 6.94
C THR B 59 26.73 4.93 5.68
N THR B 60 27.15 4.34 4.57
CA THR B 60 27.18 5.06 3.30
C THR B 60 25.74 5.40 2.88
N LEU B 61 24.86 4.42 2.97
CA LEU B 61 23.45 4.60 2.61
C LEU B 61 22.76 5.62 3.49
N CYS B 62 23.06 5.58 4.79
CA CYS B 62 22.48 6.53 5.73
C CYS B 62 22.90 7.96 5.43
N ASP B 63 24.18 8.15 5.12
CA ASP B 63 24.67 9.49 4.81
C ASP B 63 24.09 9.98 3.48
N LEU B 64 23.98 9.08 2.53
CA LEU B 64 23.42 9.42 1.22
C LEU B 64 21.96 9.84 1.38
N ALA B 65 21.22 9.05 2.15
CA ALA B 65 19.80 9.34 2.38
C ALA B 65 19.58 10.72 2.98
N ASP B 66 20.33 11.03 4.04
CA ASP B 66 20.19 12.32 4.71
C ASP B 66 20.48 13.49 3.79
N ARG B 67 21.40 13.32 2.86
CA ARG B 67 21.71 14.38 1.94
C ARG B 67 20.62 14.48 0.88
N GLU B 68 20.06 13.34 0.49
CA GLU B 68 18.97 13.36 -0.50
C GLU B 68 17.74 14.00 0.10
N LEU B 69 17.48 13.73 1.37
CA LEU B 69 16.32 14.28 2.06
C LEU B 69 16.33 15.80 2.15
N VAL B 70 17.52 16.38 2.38
CA VAL B 70 17.61 17.84 2.47
C VAL B 70 17.15 18.39 1.13
N VAL B 71 17.58 17.73 0.07
CA VAL B 71 17.23 18.13 -1.29
C VAL B 71 15.75 17.91 -1.59
N ILE B 72 15.22 16.81 -1.08
CA ILE B 72 13.81 16.48 -1.29
C ILE B 72 12.92 17.54 -0.65
N ILE B 73 13.29 17.97 0.55
CA ILE B 73 12.52 19.01 1.24
C ILE B 73 12.45 20.28 0.42
N GLY B 74 13.55 20.62 -0.26
CA GLY B 74 13.56 21.81 -1.09
C GLY B 74 12.77 21.60 -2.36
N TRP B 75 12.85 20.38 -2.90
CA TRP B 75 12.14 20.02 -4.11
C TRP B 75 10.63 20.15 -3.96
N ALA B 76 10.11 19.64 -2.84
CA ALA B 76 8.68 19.68 -2.58
C ALA B 76 8.10 21.07 -2.73
N LYS B 77 8.84 22.07 -2.25
CA LYS B 77 8.39 23.44 -2.33
C LYS B 77 8.13 23.90 -3.76
N HIS B 78 8.60 23.13 -4.73
CA HIS B 78 8.40 23.49 -6.14
C HIS B 78 7.21 22.76 -6.76
N ILE B 79 6.58 21.88 -5.99
CA ILE B 79 5.43 21.15 -6.47
C ILE B 79 4.25 22.10 -6.43
N PRO B 80 3.66 22.42 -7.59
CA PRO B 80 2.51 23.34 -7.65
C PRO B 80 1.46 23.01 -6.60
N GLY B 81 1.20 23.97 -5.71
CA GLY B 81 0.21 23.78 -4.66
C GLY B 81 0.74 23.35 -3.30
N PHE B 82 1.90 22.70 -3.26
CA PHE B 82 2.44 22.24 -1.98
C PHE B 82 2.62 23.36 -0.96
N SER B 83 3.19 24.47 -1.40
CA SER B 83 3.44 25.62 -0.52
C SER B 83 2.19 26.33 -0.03
N THR B 84 1.06 26.13 -0.70
CA THR B 84 -0.19 26.77 -0.28
C THR B 84 -0.78 26.07 0.94
N LEU B 85 -0.30 24.86 1.23
CA LEU B 85 -0.77 24.12 2.39
C LEU B 85 -0.13 24.76 3.61
N SER B 86 -0.64 24.46 4.81
CA SER B 86 -0.07 25.00 6.03
C SER B 86 1.28 24.32 6.26
N LEU B 87 2.17 24.96 6.99
CA LEU B 87 3.47 24.38 7.27
C LEU B 87 3.33 23.08 8.05
N ALA B 88 2.27 23.00 8.86
CA ALA B 88 2.02 21.81 9.64
C ALA B 88 1.69 20.64 8.71
N ASP B 89 0.88 20.92 7.70
CA ASP B 89 0.49 19.90 6.73
C ASP B 89 1.63 19.53 5.80
N GLN B 90 2.44 20.52 5.42
CA GLN B 90 3.58 20.28 4.56
C GLN B 90 4.51 19.28 5.25
N MET B 91 4.73 19.49 6.55
CA MET B 91 5.59 18.61 7.34
C MET B 91 5.00 17.21 7.49
N SER B 92 3.70 17.15 7.73
CA SER B 92 3.02 15.87 7.88
C SER B 92 3.16 15.04 6.61
N LEU B 93 2.94 15.67 5.46
CA LEU B 93 3.07 14.94 4.20
C LEU B 93 4.49 14.43 4.02
N LEU B 94 5.47 15.29 4.30
CA LEU B 94 6.86 14.89 4.14
C LEU B 94 7.23 13.79 5.11
N GLN B 95 6.68 13.84 6.32
CA GLN B 95 6.97 12.82 7.33
C GLN B 95 6.37 11.48 6.94
N SER B 96 5.26 11.49 6.22
CA SER B 96 4.64 10.23 5.84
C SER B 96 5.21 9.64 4.57
N ALA B 97 5.73 10.48 3.69
CA ALA B 97 6.16 9.95 2.39
C ALA B 97 7.66 10.01 2.08
N TRP B 98 8.51 10.42 3.01
CA TRP B 98 9.94 10.54 2.71
C TRP B 98 10.62 9.26 2.20
N MET B 99 10.29 8.12 2.79
CA MET B 99 10.91 6.88 2.35
C MET B 99 10.38 6.44 0.98
N GLU B 100 9.12 6.75 0.67
CA GLU B 100 8.58 6.39 -0.64
C GLU B 100 9.29 7.20 -1.72
N ILE B 101 9.60 8.46 -1.42
CA ILE B 101 10.29 9.30 -2.39
C ILE B 101 11.72 8.76 -2.65
N LEU B 102 12.43 8.39 -1.59
CA LEU B 102 13.78 7.83 -1.74
C LEU B 102 13.74 6.54 -2.54
N ILE B 103 12.84 5.64 -2.17
CA ILE B 103 12.70 4.36 -2.85
C ILE B 103 12.38 4.53 -4.32
N LEU B 104 11.43 5.42 -4.64
CA LEU B 104 11.05 5.63 -6.02
C LEU B 104 12.24 6.15 -6.82
N GLY B 105 13.10 6.92 -6.16
CA GLY B 105 14.29 7.45 -6.81
C GLY B 105 15.22 6.32 -7.22
N VAL B 106 15.56 5.45 -6.28
CA VAL B 106 16.46 4.32 -6.55
C VAL B 106 15.88 3.44 -7.65
N VAL B 107 14.59 3.13 -7.53
CA VAL B 107 13.93 2.30 -8.53
C VAL B 107 14.10 2.93 -9.90
N TYR B 108 13.83 4.23 -10.01
CA TYR B 108 13.95 4.83 -11.31
C TYR B 108 15.38 4.76 -11.89
N ARG B 109 16.36 5.14 -11.08
CA ARG B 109 17.74 5.13 -11.53
C ARG B 109 18.23 3.72 -11.89
N SER B 110 17.45 2.70 -11.55
CA SER B 110 17.85 1.31 -11.81
C SER B 110 17.18 0.64 -12.98
N LEU B 111 16.26 1.36 -13.62
CA LEU B 111 15.51 0.79 -14.75
C LEU B 111 16.34 0.22 -15.89
N SER B 112 17.48 0.82 -16.19
CA SER B 112 18.32 0.34 -17.30
C SER B 112 19.38 -0.67 -16.87
N PHE B 113 19.33 -1.11 -15.62
CA PHE B 113 20.27 -2.10 -15.10
C PHE B 113 19.57 -3.44 -14.89
N GLU B 114 20.34 -4.50 -14.69
CA GLU B 114 19.77 -5.82 -14.50
C GLU B 114 20.13 -6.37 -13.12
N ASP B 115 19.10 -6.56 -12.31
CA ASP B 115 19.27 -7.08 -10.95
C ASP B 115 20.28 -6.29 -10.13
N GLU B 116 20.33 -4.98 -10.37
CA GLU B 116 21.23 -4.10 -9.64
C GLU B 116 20.45 -2.85 -9.24
N LEU B 117 20.84 -2.25 -8.13
CA LEU B 117 20.18 -1.03 -7.67
C LEU B 117 21.15 0.13 -7.64
N VAL B 118 20.81 1.18 -8.39
CA VAL B 118 21.65 2.36 -8.48
C VAL B 118 21.24 3.38 -7.43
N TYR B 119 21.74 3.19 -6.21
CA TYR B 119 21.46 4.10 -5.12
C TYR B 119 22.10 5.44 -5.41
N ALA B 120 23.13 5.40 -6.25
CA ALA B 120 23.85 6.60 -6.69
C ALA B 120 24.78 6.15 -7.80
N ASP B 121 25.16 7.06 -8.69
CA ASP B 121 26.04 6.71 -9.79
C ASP B 121 27.32 6.06 -9.29
N ASP B 122 27.79 6.47 -8.11
CA ASP B 122 29.00 5.91 -7.53
C ASP B 122 28.70 4.92 -6.41
N TYR B 123 27.57 4.22 -6.52
CA TYR B 123 27.19 3.22 -5.51
C TYR B 123 26.05 2.36 -6.01
N ILE B 124 26.40 1.37 -6.81
CA ILE B 124 25.44 0.44 -7.42
C ILE B 124 25.61 -0.89 -6.69
N MET B 125 24.51 -1.43 -6.17
CA MET B 125 24.56 -2.69 -5.42
C MET B 125 24.05 -3.92 -6.18
N ASP B 126 24.90 -4.94 -6.28
CA ASP B 126 24.51 -6.18 -6.93
C ASP B 126 24.04 -7.12 -5.82
N GLU B 127 23.70 -8.35 -6.18
CA GLU B 127 23.23 -9.31 -5.20
C GLU B 127 24.23 -9.58 -4.06
N ASP B 128 25.48 -9.85 -4.41
CA ASP B 128 26.48 -10.14 -3.39
C ASP B 128 26.66 -8.99 -2.41
N GLN B 129 26.63 -7.76 -2.92
CA GLN B 129 26.77 -6.59 -2.06
C GLN B 129 25.56 -6.47 -1.14
N SER B 130 24.40 -6.90 -1.63
CA SER B 130 23.18 -6.84 -0.84
C SER B 130 23.26 -7.81 0.33
N LYS B 131 23.76 -9.03 0.07
CA LYS B 131 23.88 -10.03 1.12
C LYS B 131 24.87 -9.55 2.19
N LEU B 132 26.01 -9.02 1.75
CA LEU B 132 27.02 -8.53 2.67
C LEU B 132 26.52 -7.41 3.56
N ALA B 133 25.52 -6.67 3.09
CA ALA B 133 24.96 -5.56 3.85
C ALA B 133 23.70 -5.96 4.61
N GLY B 134 23.30 -7.21 4.45
CA GLY B 134 22.11 -7.69 5.13
C GLY B 134 20.88 -6.98 4.60
N LEU B 135 20.86 -6.75 3.29
CA LEU B 135 19.76 -6.07 2.64
C LEU B 135 19.21 -6.90 1.48
N LEU B 136 19.57 -8.18 1.45
CA LEU B 136 19.11 -9.05 0.37
C LEU B 136 17.60 -8.98 0.20
N ASP B 137 16.86 -9.30 1.27
CA ASP B 137 15.39 -9.28 1.22
C ASP B 137 14.82 -7.94 0.77
N LEU B 138 15.23 -6.87 1.45
CA LEU B 138 14.75 -5.53 1.14
C LEU B 138 15.10 -5.10 -0.29
N ASN B 139 16.34 -5.35 -0.72
CA ASN B 139 16.75 -4.98 -2.07
C ASN B 139 15.96 -5.75 -3.11
N ASN B 140 15.63 -7.01 -2.80
CA ASN B 140 14.84 -7.81 -3.73
C ASN B 140 13.42 -7.28 -3.83
N ALA B 141 12.91 -6.70 -2.76
CA ALA B 141 11.57 -6.13 -2.78
C ALA B 141 11.64 -4.90 -3.69
N ILE B 142 12.65 -4.08 -3.48
CA ILE B 142 12.84 -2.89 -4.30
C ILE B 142 12.98 -3.33 -5.77
N LEU B 143 13.67 -4.44 -6.00
CA LEU B 143 13.83 -4.95 -7.36
C LEU B 143 12.49 -5.37 -7.94
N GLN B 144 11.54 -5.70 -7.06
CA GLN B 144 10.20 -6.10 -7.52
C GLN B 144 9.55 -4.87 -8.18
N LEU B 145 9.79 -3.70 -7.61
CA LEU B 145 9.23 -2.45 -8.14
C LEU B 145 9.86 -2.14 -9.49
N VAL B 146 11.18 -2.30 -9.56
CA VAL B 146 11.93 -2.03 -10.78
C VAL B 146 11.39 -2.87 -11.93
N LYS B 147 11.09 -4.14 -11.63
CA LYS B 147 10.58 -5.07 -12.62
C LYS B 147 9.28 -4.58 -13.26
N LYS B 148 8.33 -4.17 -12.42
CA LYS B 148 7.06 -3.69 -12.94
C LYS B 148 7.25 -2.45 -13.81
N TYR B 149 8.04 -1.49 -13.32
CA TYR B 149 8.26 -0.26 -14.09
C TYR B 149 9.01 -0.51 -15.40
N LYS B 150 9.89 -1.52 -15.40
CA LYS B 150 10.65 -1.87 -16.59
C LYS B 150 9.68 -2.33 -17.66
N SER B 151 8.80 -3.25 -17.29
CA SER B 151 7.83 -3.81 -18.22
C SER B 151 6.85 -2.77 -18.75
N MET B 152 6.67 -1.68 -18.00
CA MET B 152 5.75 -0.63 -18.42
C MET B 152 6.52 0.44 -19.19
N LYS B 153 7.84 0.39 -19.10
CA LYS B 153 8.69 1.36 -19.77
C LYS B 153 8.42 2.75 -19.20
N LEU B 154 8.50 2.85 -17.88
CA LEU B 154 8.28 4.10 -17.17
C LEU B 154 9.18 5.22 -17.68
N GLU B 155 8.58 6.36 -18.00
CA GLU B 155 9.31 7.50 -18.52
C GLU B 155 9.58 8.53 -17.42
N LYS B 156 10.54 9.43 -17.67
CA LYS B 156 10.89 10.47 -16.71
C LYS B 156 9.69 11.33 -16.32
N GLU B 157 8.83 11.65 -17.28
CA GLU B 157 7.65 12.47 -17.01
C GLU B 157 6.70 11.79 -16.02
N GLU B 158 6.54 10.48 -16.17
CA GLU B 158 5.67 9.70 -15.31
C GLU B 158 6.31 9.56 -13.93
N PHE B 159 7.63 9.33 -13.91
CA PHE B 159 8.38 9.19 -12.67
C PHE B 159 8.24 10.41 -11.74
N VAL B 160 8.51 11.61 -12.26
CA VAL B 160 8.39 12.80 -11.44
C VAL B 160 6.96 13.14 -11.04
N THR B 161 5.99 12.73 -11.85
CA THR B 161 4.60 13.03 -11.50
C THR B 161 4.15 12.05 -10.41
N LEU B 162 4.58 10.79 -10.51
CA LEU B 162 4.23 9.78 -9.53
C LEU B 162 4.86 10.13 -8.19
N LYS B 163 6.07 10.68 -8.24
CA LYS B 163 6.76 11.07 -7.04
C LYS B 163 5.93 12.11 -6.29
N ALA B 164 5.51 13.15 -7.01
CA ALA B 164 4.70 14.22 -6.42
C ALA B 164 3.38 13.66 -5.88
N ILE B 165 2.79 12.73 -6.62
CA ILE B 165 1.54 12.10 -6.21
C ILE B 165 1.75 11.31 -4.91
N ALA B 166 2.86 10.59 -4.82
CA ALA B 166 3.14 9.80 -3.63
C ALA B 166 3.18 10.72 -2.41
N LEU B 167 3.73 11.91 -2.59
CA LEU B 167 3.80 12.85 -1.48
C LEU B 167 2.41 13.34 -1.10
N ALA B 168 1.64 13.73 -2.10
CA ALA B 168 0.31 14.26 -1.88
C ALA B 168 -0.69 13.24 -1.33
N ASN B 169 -0.45 11.98 -1.66
CA ASN B 169 -1.33 10.87 -1.28
C ASN B 169 -0.74 10.00 -0.18
N SER B 170 0.11 10.59 0.66
CA SER B 170 0.79 9.82 1.71
C SER B 170 -0.07 9.37 2.90
N ASP B 171 -1.32 9.84 2.95
CA ASP B 171 -2.25 9.44 4.00
C ASP B 171 -1.81 9.68 5.45
N SER B 172 -1.22 10.83 5.72
CA SER B 172 -0.82 11.11 7.10
C SER B 172 -2.12 11.24 7.90
N MET B 173 -2.11 10.87 9.17
CA MET B 173 -3.33 11.01 9.95
C MET B 173 -3.36 12.34 10.70
N HIS B 174 -2.31 13.13 10.58
CA HIS B 174 -2.26 14.42 11.28
C HIS B 174 -2.56 15.63 10.41
N ILE B 175 -3.18 15.43 9.26
CA ILE B 175 -3.50 16.53 8.38
C ILE B 175 -4.61 17.40 8.97
N GLU B 176 -4.43 18.72 8.89
CA GLU B 176 -5.40 19.67 9.42
C GLU B 176 -6.45 20.02 8.38
N ASP B 177 -6.00 20.32 7.16
CA ASP B 177 -6.90 20.67 6.07
C ASP B 177 -6.99 19.53 5.06
N VAL B 178 -7.87 18.57 5.32
CA VAL B 178 -8.06 17.43 4.45
C VAL B 178 -8.46 17.84 3.04
N GLU B 179 -9.32 18.86 2.93
CA GLU B 179 -9.78 19.33 1.63
C GLU B 179 -8.67 19.96 0.79
N ALA B 180 -7.74 20.65 1.42
CA ALA B 180 -6.66 21.28 0.67
C ALA B 180 -5.70 20.21 0.14
N VAL B 181 -5.48 19.16 0.93
CA VAL B 181 -4.60 18.08 0.50
C VAL B 181 -5.26 17.30 -0.64
N GLN B 182 -6.57 17.11 -0.55
CA GLN B 182 -7.33 16.41 -1.56
C GLN B 182 -7.22 17.20 -2.86
N LYS B 183 -7.34 18.52 -2.77
CA LYS B 183 -7.22 19.36 -3.96
C LYS B 183 -5.83 19.19 -4.55
N LEU B 184 -4.80 19.11 -3.70
CA LEU B 184 -3.43 18.93 -4.17
C LEU B 184 -3.34 17.62 -4.97
N GLN B 185 -3.91 16.57 -4.41
CA GLN B 185 -3.91 15.26 -5.06
C GLN B 185 -4.62 15.35 -6.42
N ASP B 186 -5.77 16.01 -6.44
CA ASP B 186 -6.57 16.15 -7.65
C ASP B 186 -5.82 16.86 -8.75
N VAL B 187 -5.08 17.91 -8.41
CA VAL B 187 -4.30 18.66 -9.38
C VAL B 187 -3.16 17.83 -10.01
N LEU B 188 -2.46 17.04 -9.20
CA LEU B 188 -1.35 16.22 -9.70
C LEU B 188 -1.92 15.05 -10.49
N HIS B 189 -3.07 14.54 -10.03
CA HIS B 189 -3.75 13.44 -10.68
C HIS B 189 -4.21 13.89 -12.08
N GLU B 190 -4.75 15.10 -12.17
CA GLU B 190 -5.21 15.60 -13.46
C GLU B 190 -4.00 15.76 -14.39
N ALA B 191 -2.89 16.25 -13.85
CA ALA B 191 -1.68 16.46 -14.65
C ALA B 191 -1.22 15.14 -15.25
N LEU B 192 -1.28 14.08 -14.45
CA LEU B 192 -0.88 12.76 -14.91
C LEU B 192 -1.82 12.22 -15.98
N GLN B 193 -3.14 12.28 -15.75
CA GLN B 193 -4.07 11.77 -16.75
C GLN B 193 -3.95 12.58 -18.05
N ASP B 194 -3.77 13.89 -17.92
CA ASP B 194 -3.63 14.76 -19.09
C ASP B 194 -2.37 14.36 -19.87
N TYR B 195 -1.28 14.14 -19.16
CA TYR B 195 -0.05 13.71 -19.81
C TYR B 195 -0.27 12.39 -20.52
N GLU B 196 -0.81 11.41 -19.79
CA GLU B 196 -1.07 10.07 -20.32
C GLU B 196 -2.03 10.09 -21.52
N ALA B 197 -3.06 10.93 -21.45
CA ALA B 197 -4.05 11.01 -22.52
C ALA B 197 -3.48 11.45 -23.86
N GLY B 198 -2.53 12.38 -23.82
CA GLY B 198 -1.93 12.86 -25.05
C GLY B 198 -0.69 12.12 -25.53
N GLN B 199 0.19 11.73 -24.60
CA GLN B 199 1.42 11.03 -24.96
C GLN B 199 1.33 9.52 -25.09
N HIS B 200 0.23 8.93 -24.64
CA HIS B 200 0.08 7.48 -24.73
C HIS B 200 -1.31 7.00 -25.13
N MET B 201 -1.74 7.36 -26.33
CA MET B 201 -3.04 6.94 -26.82
C MET B 201 -3.12 5.44 -27.08
N GLU B 202 -1.98 4.76 -27.17
CA GLU B 202 -2.02 3.31 -27.41
C GLU B 202 -2.50 2.55 -26.18
N ASP B 203 -2.67 3.26 -25.08
CA ASP B 203 -3.14 2.65 -23.84
C ASP B 203 -3.87 3.71 -23.05
N PRO B 204 -5.21 3.72 -23.13
CA PRO B 204 -6.03 4.69 -22.41
C PRO B 204 -6.15 4.39 -20.92
N ARG B 205 -5.54 3.29 -20.47
CA ARG B 205 -5.59 2.93 -19.06
C ARG B 205 -4.21 2.99 -18.42
N ARG B 206 -3.26 3.64 -19.09
CA ARG B 206 -1.91 3.72 -18.58
C ARG B 206 -1.76 4.53 -17.28
N ALA B 207 -2.54 5.60 -17.14
CA ALA B 207 -2.46 6.42 -15.92
C ALA B 207 -2.94 5.59 -14.72
N GLY B 208 -4.00 4.81 -14.93
CA GLY B 208 -4.52 3.97 -13.88
C GLY B 208 -3.50 2.91 -13.51
N LYS B 209 -2.81 2.35 -14.50
CA LYS B 209 -1.81 1.33 -14.24
C LYS B 209 -0.68 1.92 -13.41
N MET B 210 -0.34 3.18 -13.65
CA MET B 210 0.71 3.87 -12.89
C MET B 210 0.25 3.97 -11.42
N LEU B 211 -0.99 4.41 -11.22
CA LEU B 211 -1.53 4.56 -9.87
C LEU B 211 -1.58 3.21 -9.15
N MET B 212 -1.81 2.13 -9.89
CA MET B 212 -1.87 0.80 -9.31
C MET B 212 -0.52 0.26 -8.81
N THR B 213 0.56 1.00 -9.06
CA THR B 213 1.89 0.58 -8.58
C THR B 213 2.16 1.22 -7.22
N LEU B 214 1.34 2.21 -6.84
CA LEU B 214 1.55 2.89 -5.57
C LEU B 214 1.45 1.98 -4.33
N PRO B 215 0.54 1.00 -4.34
CA PRO B 215 0.45 0.12 -3.18
C PRO B 215 1.77 -0.61 -2.88
N LEU B 216 2.42 -1.12 -3.92
CA LEU B 216 3.70 -1.82 -3.69
C LEU B 216 4.76 -0.83 -3.20
N LEU B 217 4.73 0.39 -3.70
CA LEU B 217 5.69 1.41 -3.28
C LEU B 217 5.52 1.65 -1.79
N ARG B 218 4.27 1.82 -1.35
CA ARG B 218 3.94 2.06 0.06
C ARG B 218 4.41 0.87 0.91
N GLN B 219 4.14 -0.34 0.43
CA GLN B 219 4.53 -1.57 1.11
C GLN B 219 6.04 -1.70 1.23
N THR B 220 6.77 -1.43 0.15
CA THR B 220 8.22 -1.54 0.19
C THR B 220 8.80 -0.47 1.10
N SER B 221 8.24 0.73 1.02
CA SER B 221 8.69 1.83 1.87
C SER B 221 8.53 1.45 3.33
N THR B 222 7.40 0.84 3.67
CA THR B 222 7.16 0.41 5.04
C THR B 222 8.20 -0.64 5.45
N LYS B 223 8.51 -1.57 4.55
CA LYS B 223 9.51 -2.59 4.85
C LYS B 223 10.87 -1.97 5.13
N ALA B 224 11.23 -0.96 4.33
CA ALA B 224 12.51 -0.28 4.49
C ALA B 224 12.59 0.40 5.85
N VAL B 225 11.56 1.16 6.20
CA VAL B 225 11.54 1.84 7.48
C VAL B 225 11.62 0.83 8.63
N GLN B 226 10.85 -0.26 8.53
CA GLN B 226 10.88 -1.27 9.59
C GLN B 226 12.24 -1.93 9.72
N HIS B 227 12.93 -2.07 8.59
CA HIS B 227 14.25 -2.69 8.59
C HIS B 227 15.31 -1.74 9.16
N PHE B 228 15.12 -0.44 8.92
CA PHE B 228 16.07 0.56 9.40
C PHE B 228 16.23 0.56 10.91
N TYR B 229 15.15 0.34 11.65
CA TYR B 229 15.24 0.32 13.11
C TYR B 229 15.78 -1.03 13.58
N ASN B 230 15.26 -2.11 13.01
CA ASN B 230 15.70 -3.44 13.39
C ASN B 230 17.21 -3.58 13.24
N ILE B 231 17.73 -3.13 12.10
CA ILE B 231 19.17 -3.22 11.83
C ILE B 231 20.00 -2.87 13.06
N PRO B 238 30.73 -1.89 18.97
CA PRO B 238 30.37 -0.48 19.05
C PRO B 238 31.39 0.27 19.91
N MET B 239 31.81 1.45 19.46
CA MET B 239 32.78 2.24 20.20
C MET B 239 33.85 1.32 20.77
N HIS B 240 34.33 0.41 19.94
CA HIS B 240 35.33 -0.58 20.32
C HIS B 240 36.62 0.05 20.84
N LYS B 241 36.99 1.20 20.27
CA LYS B 241 38.22 1.88 20.68
C LYS B 241 38.19 2.26 22.16
N LEU B 242 37.18 3.04 22.55
CA LEU B 242 37.03 3.48 23.92
C LEU B 242 36.72 2.29 24.82
N PHE B 243 35.88 1.40 24.31
CA PHE B 243 35.50 0.23 25.08
C PHE B 243 36.74 -0.55 25.54
N LEU B 244 37.64 -0.82 24.61
CA LEU B 244 38.87 -1.55 24.93
C LEU B 244 39.74 -0.77 25.90
N GLU B 245 39.62 0.55 25.88
CA GLU B 245 40.41 1.42 26.76
C GLU B 245 39.84 1.43 28.18
N MET B 246 38.54 1.18 28.30
CA MET B 246 37.90 1.17 29.61
C MET B 246 38.26 -0.12 30.35
N LEU B 247 38.49 -1.18 29.58
CA LEU B 247 38.85 -2.46 30.16
C LEU B 247 40.35 -2.49 30.49
N GLU B 248 41.13 -1.70 29.76
CA GLU B 248 42.57 -1.63 29.99
C GLU B 248 42.86 -0.93 31.32
#